data_5YNW
#
_entry.id   5YNW
#
_cell.length_a   93.583
_cell.length_b   211.607
_cell.length_c   82.421
_cell.angle_alpha   90.000
_cell.angle_beta   90.000
_cell.angle_gamma   90.000
#
_symmetry.space_group_name_H-M   'C 2 2 21'
#
loop_
_entity.id
_entity.type
_entity.pdbx_description
1 polymer 'aromatic prenyltransferase'
2 non-polymer 'DIMETHYLALLYL S-THIOLODIPHOSPHATE'
3 non-polymer GLYCEROL
4 non-polymer 3-[(Z)-2-isocyanoethenyl]-1H-indole
5 non-polymer IMIDAZOLE
6 water water
#
_entity_poly.entity_id   1
_entity_poly.type   'polypeptide(L)'
_entity_poly.pdbx_seq_one_letter_code
;GSAGAGAMTIVNRIRTDVVNVAKSFGAEYSEAVIDQIFQGFGEKFTNTGFAIRVQNKRNQKVDCNIRYGEAKENCLAWDI
ARESGLLSDQGHPVDTLIQEMFQAIPAIAYGADFDINYGLVKIWHLPKIVPVEEAFKIPSLPKSVNAHIDFFKKYHLDAL
CALTVDYRNKSTNLYFDAHHPEQRTTQFYKNILQSQQFEVPSDEVLEILVNCPEIAVTFNWSSPGIERMCFYTAFVNRET
VPQHINPVLKKFAQEAPALLDNPGFLVGWSFGPDAKKGTYIKIDVDYHGLVVPSFFHMHNLPLPIPEANSVFDLPSSDTE
DKLNSIVMS
;
_entity_poly.pdbx_strand_id   A,B
#
loop_
_chem_comp.id
_chem_comp.type
_chem_comp.name
_chem_comp.formula
8XL non-polymer 3-[(Z)-2-isocyanoethenyl]-1H-indole 'C11 H8 N2'
DST non-polymer 'DIMETHYLALLYL S-THIOLODIPHOSPHATE' 'C5 H12 O6 P2 S'
GOL non-polymer GLYCEROL 'C3 H8 O3'
IMD non-polymer IMIDAZOLE 'C3 H5 N2 1'
#
# COMPACT_ATOMS: atom_id res chain seq x y z
N SER A 2 -37.46 17.52 25.77
CA SER A 2 -36.72 16.90 24.62
C SER A 2 -35.93 17.94 23.81
N ALA A 3 -35.73 19.12 24.39
CA ALA A 3 -34.58 19.95 24.04
C ALA A 3 -33.35 19.15 24.46
N GLY A 4 -32.88 18.36 23.49
CA GLY A 4 -31.69 17.52 23.59
C GLY A 4 -31.85 16.02 23.87
N ALA A 5 -33.06 15.46 23.82
CA ALA A 5 -33.28 14.00 24.07
C ALA A 5 -34.51 13.37 23.36
N GLY A 6 -34.56 12.03 23.36
CA GLY A 6 -35.66 11.27 22.73
C GLY A 6 -35.69 11.36 21.21
N ALA A 7 -36.87 11.38 20.61
CA ALA A 7 -36.98 11.64 19.17
C ALA A 7 -36.42 13.05 18.82
N MET A 8 -35.60 13.07 17.77
CA MET A 8 -34.98 14.31 17.31
C MET A 8 -34.37 14.13 15.93
N THR A 9 -34.17 15.25 15.25
CA THR A 9 -33.51 15.22 13.95
C THR A 9 -32.08 14.73 14.15
N ILE A 10 -31.50 14.17 13.11
CA ILE A 10 -30.09 13.82 13.13
C ILE A 10 -29.23 15.03 13.53
N VAL A 11 -29.49 16.17 12.91
CA VAL A 11 -28.69 17.35 13.25
C VAL A 11 -28.75 17.73 14.73
N ASN A 12 -29.90 17.58 15.37
CA ASN A 12 -29.92 17.89 16.80
C ASN A 12 -29.18 16.86 17.68
N ARG A 13 -29.20 15.62 17.22
CA ARG A 13 -28.45 14.57 17.92
C ARG A 13 -26.96 14.93 17.81
N ILE A 14 -26.52 15.28 16.60
CA ILE A 14 -25.13 15.68 16.42
C ILE A 14 -24.73 16.80 17.38
N ARG A 15 -25.57 17.83 17.47
CA ARG A 15 -25.23 19.01 18.28
C ARG A 15 -25.06 18.62 19.71
N THR A 16 -25.98 17.77 20.18
CA THR A 16 -25.96 17.36 21.58
C THR A 16 -24.71 16.51 21.88
N ASP A 17 -24.38 15.63 20.96
CA ASP A 17 -23.19 14.77 21.09
C ASP A 17 -21.90 15.65 21.11
N VAL A 18 -21.87 16.67 20.28
CA VAL A 18 -20.69 17.54 20.18
C VAL A 18 -20.50 18.26 21.52
N VAL A 19 -21.58 18.85 22.03
CA VAL A 19 -21.48 19.51 23.32
C VAL A 19 -21.07 18.56 24.46
N ASN A 20 -21.60 17.34 24.45
CA ASN A 20 -21.28 16.38 25.50
C ASN A 20 -19.80 16.02 25.50
N VAL A 21 -19.26 15.79 24.30
CA VAL A 21 -17.85 15.55 24.15
C VAL A 21 -17.06 16.68 24.72
N ALA A 22 -17.42 17.90 24.34
CA ALA A 22 -16.66 19.03 24.76
C ALA A 22 -16.68 19.16 26.26
N LYS A 23 -17.86 19.00 26.88
CA LYS A 23 -17.96 19.11 28.34
C LYS A 23 -17.14 18.02 29.01
N SER A 24 -17.25 16.80 28.52
CA SER A 24 -16.50 15.67 29.08
C SER A 24 -14.97 15.83 29.02
N PHE A 25 -14.46 16.47 27.97
CA PHE A 25 -13.01 16.61 27.82
C PHE A 25 -12.51 17.95 28.34
N GLY A 26 -13.45 18.78 28.81
CA GLY A 26 -13.11 20.11 29.29
C GLY A 26 -12.70 21.06 28.20
N ALA A 27 -13.12 20.83 26.95
CA ALA A 27 -12.87 21.80 25.90
C ALA A 27 -13.74 23.02 26.08
N GLU A 28 -13.20 24.18 25.74
CA GLU A 28 -14.02 25.38 25.74
C GLU A 28 -14.82 25.42 24.48
N TYR A 29 -15.97 26.06 24.54
CA TYR A 29 -16.77 26.24 23.35
C TYR A 29 -17.66 27.45 23.56
N SER A 30 -18.17 28.01 22.48
CA SER A 30 -19.10 29.15 22.51
C SER A 30 -20.44 28.74 21.89
N GLU A 31 -21.52 28.93 22.63
CA GLU A 31 -22.86 28.58 22.14
C GLU A 31 -23.21 29.34 20.86
N ALA A 32 -22.80 30.61 20.75
CA ALA A 32 -23.09 31.39 19.54
C ALA A 32 -22.33 30.86 18.33
N VAL A 33 -21.07 30.48 18.54
CA VAL A 33 -20.26 29.91 17.45
C VAL A 33 -20.86 28.57 17.03
N ILE A 34 -21.23 27.74 17.99
CA ILE A 34 -21.83 26.46 17.62
C ILE A 34 -23.08 26.69 16.80
N ASP A 35 -23.92 27.62 17.23
CA ASP A 35 -25.15 27.85 16.51
C ASP A 35 -24.87 28.37 15.11
N GLN A 36 -23.91 29.27 15.01
CA GLN A 36 -23.54 29.84 13.72
C GLN A 36 -23.01 28.78 12.76
N ILE A 37 -22.23 27.83 13.27
CA ILE A 37 -21.70 26.75 12.42
C ILE A 37 -22.83 25.89 11.91
N PHE A 38 -23.71 25.47 12.82
CA PHE A 38 -24.79 24.55 12.48
C PHE A 38 -25.88 25.14 11.58
N GLN A 39 -26.11 26.46 11.67
CA GLN A 39 -27.04 27.14 10.76
C GLN A 39 -26.57 26.99 9.35
N GLY A 40 -25.26 27.15 9.13
CA GLY A 40 -24.71 26.98 7.80
C GLY A 40 -24.51 25.52 7.39
N PHE A 41 -24.04 24.69 8.32
CA PHE A 41 -23.40 23.42 7.94
C PHE A 41 -24.09 22.17 8.49
N GLY A 42 -25.16 22.33 9.27
CA GLY A 42 -25.77 21.19 9.97
C GLY A 42 -26.26 20.09 9.07
N GLU A 43 -26.83 20.51 7.95
CA GLU A 43 -27.25 19.55 6.96
C GLU A 43 -26.13 18.78 6.30
N LYS A 44 -25.03 19.46 6.00
CA LYS A 44 -23.84 18.74 5.54
C LYS A 44 -23.39 17.69 6.57
N PHE A 45 -23.39 18.06 7.85
CA PHE A 45 -22.88 17.17 8.93
C PHE A 45 -23.75 15.88 9.01
N THR A 46 -25.00 15.97 8.60
CA THR A 46 -25.94 14.83 8.74
C THR A 46 -25.77 13.86 7.60
N ASN A 47 -25.31 14.35 6.46
CA ASN A 47 -25.33 13.57 5.23
C ASN A 47 -24.02 13.23 4.61
N THR A 48 -22.92 13.66 5.21
CA THR A 48 -21.64 13.44 4.59
C THR A 48 -20.66 12.85 5.62
N GLY A 49 -19.43 12.69 5.23
CA GLY A 49 -18.40 12.21 6.16
C GLY A 49 -18.06 13.21 7.26
N PHE A 50 -18.69 13.04 8.41
CA PHE A 50 -18.58 13.97 9.49
C PHE A 50 -17.70 13.34 10.58
N ALA A 51 -16.90 14.15 11.27
CA ALA A 51 -16.09 13.67 12.40
C ALA A 51 -16.05 14.66 13.52
N ILE A 52 -15.92 14.16 14.74
CA ILE A 52 -15.68 14.99 15.91
C ILE A 52 -14.25 14.69 16.34
N ARG A 53 -13.45 15.75 16.55
CA ARG A 53 -12.07 15.60 16.96
C ARG A 53 -11.86 16.17 18.36
N VAL A 54 -11.02 15.50 19.14
CA VAL A 54 -10.33 16.15 20.23
C VAL A 54 -8.83 16.10 20.05
N GLN A 55 -8.15 17.13 20.55
CA GLN A 55 -6.71 17.14 20.49
C GLN A 55 -6.18 17.77 21.77
N ASN A 56 -4.97 17.35 22.16
CA ASN A 56 -4.43 17.72 23.48
C ASN A 56 -3.11 18.46 23.42
N LYS A 57 -3.10 19.71 22.99
CA LYS A 57 -1.84 20.49 23.01
C LYS A 57 -1.30 20.70 24.45
N ARG A 58 0.02 20.74 24.57
CA ARG A 58 0.66 20.91 25.88
C ARG A 58 0.32 22.30 26.47
N ASN A 59 0.09 22.35 27.78
CA ASN A 59 -0.16 23.62 28.50
C ASN A 59 -1.39 24.36 27.98
N GLN A 60 -2.40 23.62 27.58
CA GLN A 60 -3.68 24.23 27.27
C GLN A 60 -4.80 23.22 27.32
N LYS A 61 -6.02 23.72 27.28
CA LYS A 61 -7.14 22.82 27.29
C LYS A 61 -7.18 22.00 25.99
N VAL A 62 -7.86 20.89 26.08
CA VAL A 62 -8.22 20.09 24.92
C VAL A 62 -9.08 20.94 24.03
N ASP A 63 -8.83 20.84 22.74
CA ASP A 63 -9.64 21.49 21.75
C ASP A 63 -10.62 20.47 21.18
N CYS A 64 -11.84 20.92 20.95
CA CYS A 64 -12.85 20.09 20.25
C CYS A 64 -13.21 20.70 18.90
N ASN A 65 -12.94 19.96 17.86
CA ASN A 65 -13.28 20.38 16.51
C ASN A 65 -14.33 19.48 15.92
N ILE A 66 -15.08 20.01 14.96
CA ILE A 66 -15.98 19.21 14.14
C ILE A 66 -15.70 19.52 12.68
N ARG A 67 -15.90 18.55 11.82
CA ARG A 67 -15.44 18.62 10.47
C ARG A 67 -16.19 17.70 9.56
N TYR A 68 -16.19 18.02 8.28
CA TYR A 68 -16.79 17.17 7.29
C TYR A 68 -16.07 17.28 5.99
N GLY A 69 -16.31 16.30 5.12
CA GLY A 69 -15.86 16.38 3.72
C GLY A 69 -16.93 15.79 2.82
N GLU A 70 -16.92 16.18 1.55
CA GLU A 70 -17.81 15.55 0.55
C GLU A 70 -17.21 15.65 -0.84
N ALA A 71 -17.62 14.69 -1.67
CA ALA A 71 -17.06 14.51 -2.98
C ALA A 71 -17.77 15.46 -3.91
N LYS A 72 -17.48 16.76 -3.77
CA LYS A 72 -17.92 17.76 -4.75
C LYS A 72 -16.70 18.43 -5.33
N GLU A 73 -16.79 18.89 -6.58
CA GLU A 73 -15.63 19.43 -7.29
C GLU A 73 -15.38 20.89 -6.94
N ASN A 74 -16.42 21.55 -6.45
CA ASN A 74 -16.37 22.94 -6.08
C ASN A 74 -16.30 23.11 -4.56
N CYS A 75 -15.73 24.22 -4.13
CA CYS A 75 -15.56 24.50 -2.70
C CYS A 75 -16.83 25.07 -2.08
N LEU A 76 -17.81 24.20 -1.81
CA LEU A 76 -19.12 24.66 -1.36
C LEU A 76 -19.04 25.31 -0.01
N ALA A 77 -18.07 24.91 0.80
CA ALA A 77 -17.90 25.48 2.12
C ALA A 77 -17.66 27.00 2.14
N TRP A 78 -17.08 27.52 1.08
CA TRP A 78 -16.60 28.89 1.09
C TRP A 78 -17.80 29.82 1.04
N ASP A 79 -18.72 29.55 0.12
CA ASP A 79 -19.94 30.37 0.03
C ASP A 79 -20.76 30.22 1.30
N ILE A 80 -20.86 29.00 1.85
CA ILE A 80 -21.61 28.83 3.11
C ILE A 80 -20.98 29.63 4.24
N ALA A 81 -19.66 29.56 4.37
CA ALA A 81 -19.01 30.17 5.52
C ALA A 81 -19.06 31.69 5.39
N ARG A 82 -18.89 32.15 4.16
CA ARG A 82 -18.98 33.58 3.89
C ARG A 82 -20.38 34.14 4.27
N GLU A 83 -21.47 33.53 3.82
CA GLU A 83 -22.82 34.02 4.19
C GLU A 83 -23.11 33.89 5.67
N SER A 84 -22.54 32.88 6.33
CA SER A 84 -22.75 32.65 7.77
C SER A 84 -21.99 33.65 8.62
N GLY A 85 -21.11 34.43 8.00
CA GLY A 85 -20.25 35.30 8.78
C GLY A 85 -19.12 34.56 9.46
N LEU A 86 -18.77 33.39 8.95
CA LEU A 86 -17.66 32.63 9.56
C LEU A 86 -16.30 32.90 8.92
N LEU A 87 -16.30 33.66 7.82
CA LEU A 87 -15.03 33.81 7.09
C LEU A 87 -14.81 35.23 6.59
N SER A 88 -14.09 36.03 7.37
CA SER A 88 -13.81 37.43 7.04
C SER A 88 -12.39 37.56 6.50
N ASP A 89 -12.19 38.48 5.55
CA ASP A 89 -10.87 38.76 5.01
C ASP A 89 -10.01 39.33 6.08
N GLN A 90 -8.78 38.87 6.14
CA GLN A 90 -7.82 39.39 7.10
C GLN A 90 -6.78 40.32 6.49
N GLY A 91 -6.76 40.48 5.18
CA GLY A 91 -5.66 41.20 4.51
C GLY A 91 -4.36 40.44 4.55
N HIS A 92 -4.42 39.27 3.94
CA HIS A 92 -3.42 38.26 4.19
C HIS A 92 -3.52 37.31 3.02
N PRO A 93 -2.40 36.62 2.70
CA PRO A 93 -2.46 35.53 1.72
C PRO A 93 -3.52 34.47 1.91
N VAL A 94 -3.91 34.14 3.15
CA VAL A 94 -4.97 33.13 3.35
C VAL A 94 -6.27 33.50 2.63
N ASP A 95 -6.56 34.80 2.52
CA ASP A 95 -7.84 35.27 2.04
C ASP A 95 -8.22 34.71 0.66
N THR A 96 -7.26 34.61 -0.27
CA THR A 96 -7.54 34.07 -1.57
C THR A 96 -6.98 32.66 -1.79
N LEU A 97 -6.27 32.10 -0.82
CA LEU A 97 -5.54 30.86 -1.08
C LEU A 97 -6.39 29.65 -1.48
N ILE A 98 -7.54 29.44 -0.83
CA ILE A 98 -8.33 28.24 -1.18
C ILE A 98 -8.89 28.42 -2.58
N GLN A 99 -9.26 29.64 -2.95
CA GLN A 99 -9.74 29.91 -4.30
C GLN A 99 -8.67 29.60 -5.35
N GLU A 100 -7.42 29.95 -5.05
CA GLU A 100 -6.29 29.69 -5.95
C GLU A 100 -6.03 28.17 -6.09
N MET A 101 -6.20 27.46 -4.98
CA MET A 101 -6.00 26.00 -4.94
C MET A 101 -7.01 25.33 -5.90
N PHE A 102 -8.26 25.75 -5.80
CA PHE A 102 -9.31 25.19 -6.69
C PHE A 102 -9.18 25.61 -8.14
N GLN A 103 -8.53 26.73 -8.40
CA GLN A 103 -8.19 27.12 -9.77
C GLN A 103 -7.08 26.31 -10.30
N ALA A 104 -6.06 26.10 -9.48
CA ALA A 104 -4.82 25.59 -10.01
C ALA A 104 -4.89 24.07 -10.18
N ILE A 105 -5.62 23.39 -9.29
CA ILE A 105 -5.68 21.93 -9.34
C ILE A 105 -7.13 21.48 -9.22
N PRO A 106 -7.61 20.66 -10.18
CA PRO A 106 -8.99 20.09 -10.08
C PRO A 106 -9.18 19.34 -8.77
N ALA A 107 -10.24 19.65 -8.05
CA ALA A 107 -10.60 18.92 -6.86
C ALA A 107 -11.58 17.79 -7.20
N ILE A 108 -11.47 16.67 -6.49
CA ILE A 108 -12.52 15.63 -6.48
C ILE A 108 -13.34 15.69 -5.19
N ALA A 109 -12.89 16.49 -4.23
CA ALA A 109 -13.60 16.63 -2.97
C ALA A 109 -13.12 17.88 -2.24
N TYR A 110 -13.82 18.28 -1.17
CA TYR A 110 -13.42 19.43 -0.36
C TYR A 110 -13.96 19.11 1.01
N GLY A 111 -13.50 19.85 2.00
CA GLY A 111 -14.04 19.77 3.35
C GLY A 111 -13.84 21.04 4.11
N ALA A 112 -14.36 21.10 5.33
CA ALA A 112 -14.15 22.22 6.21
C ALA A 112 -14.06 21.74 7.66
N ASP A 113 -13.37 22.53 8.47
CA ASP A 113 -13.00 22.18 9.82
C ASP A 113 -13.33 23.34 10.74
N PHE A 114 -13.92 23.05 11.91
CA PHE A 114 -14.42 24.09 12.80
C PHE A 114 -13.99 23.80 14.21
N ASP A 115 -13.48 24.82 14.89
CA ASP A 115 -13.25 24.73 16.32
C ASP A 115 -14.46 25.36 16.97
N ILE A 116 -15.16 24.57 17.80
CA ILE A 116 -16.43 25.05 18.39
C ILE A 116 -16.28 26.24 19.37
N ASN A 117 -15.04 26.54 19.78
CA ASN A 117 -14.75 27.79 20.47
C ASN A 117 -14.34 28.96 19.59
N TYR A 118 -14.38 28.82 18.26
CA TYR A 118 -13.81 29.83 17.38
C TYR A 118 -14.67 30.07 16.15
N GLY A 119 -14.98 29.02 15.43
CA GLY A 119 -15.64 29.15 14.14
C GLY A 119 -14.89 28.32 13.11
N LEU A 120 -14.96 28.72 11.86
CA LEU A 120 -14.24 28.03 10.76
C LEU A 120 -12.75 28.18 10.89
N VAL A 121 -12.05 27.05 10.98
CA VAL A 121 -10.60 27.10 11.09
C VAL A 121 -9.96 26.81 9.72
N LYS A 122 -10.41 25.77 9.00
CA LYS A 122 -9.83 25.39 7.74
C LYS A 122 -10.86 25.03 6.71
N ILE A 123 -10.41 25.10 5.47
CA ILE A 123 -11.06 24.48 4.34
C ILE A 123 -10.01 23.58 3.65
N TRP A 124 -10.44 22.38 3.25
CA TRP A 124 -9.60 21.42 2.53
C TRP A 124 -9.95 21.39 1.05
N HIS A 125 -8.91 21.09 0.27
CA HIS A 125 -8.94 20.78 -1.18
C HIS A 125 -8.37 19.38 -1.34
N LEU A 126 -9.12 18.48 -1.97
CA LEU A 126 -8.60 17.13 -2.25
C LEU A 126 -8.64 16.87 -3.74
N PRO A 127 -7.50 16.92 -4.40
CA PRO A 127 -7.38 16.52 -5.78
C PRO A 127 -7.30 14.99 -5.86
N LYS A 128 -7.22 14.45 -7.07
CA LYS A 128 -6.65 13.13 -7.16
C LYS A 128 -5.16 13.24 -6.83
N ILE A 129 -4.49 12.12 -6.58
CA ILE A 129 -3.10 12.20 -6.21
C ILE A 129 -2.36 12.77 -7.38
N VAL A 130 -1.58 13.82 -7.14
CA VAL A 130 -0.82 14.51 -8.18
C VAL A 130 0.61 14.77 -7.74
N PRO A 131 1.49 15.02 -8.71
CA PRO A 131 2.84 15.37 -8.34
C PRO A 131 2.88 16.65 -7.55
N VAL A 132 3.73 16.71 -6.54
CA VAL A 132 3.73 17.82 -5.59
C VAL A 132 3.99 19.14 -6.31
N GLU A 133 4.75 19.06 -7.40
CA GLU A 133 5.09 20.24 -8.19
C GLU A 133 3.85 20.94 -8.68
N GLU A 134 2.70 20.26 -8.77
CA GLU A 134 1.46 20.93 -9.19
CA GLU A 134 1.50 20.96 -9.23
C GLU A 134 1.11 22.07 -8.24
N ALA A 135 1.54 21.96 -6.99
CA ALA A 135 1.23 22.99 -5.99
C ALA A 135 1.99 24.31 -6.18
N PHE A 136 3.09 24.29 -6.94
CA PHE A 136 3.94 25.48 -7.10
C PHE A 136 3.34 26.53 -8.00
N LYS A 137 2.29 26.17 -8.72
CA LYS A 137 1.44 27.09 -9.48
C LYS A 137 0.69 28.14 -8.62
N ILE A 138 0.50 27.83 -7.34
CA ILE A 138 -0.47 28.55 -6.52
C ILE A 138 0.26 29.82 -6.03
N PRO A 139 -0.21 31.01 -6.41
CA PRO A 139 0.47 32.27 -6.11
C PRO A 139 0.77 32.52 -4.65
N SER A 140 -0.21 32.30 -3.79
CA SER A 140 -0.12 32.78 -2.42
C SER A 140 0.45 31.75 -1.45
N LEU A 141 0.96 30.62 -1.96
CA LEU A 141 1.62 29.62 -1.11
C LEU A 141 2.83 30.23 -0.43
N PRO A 142 3.09 29.87 0.82
CA PRO A 142 4.30 30.45 1.39
C PRO A 142 5.50 30.11 0.53
N LYS A 143 6.45 31.04 0.46
CA LYS A 143 7.72 30.84 -0.25
C LYS A 143 8.49 29.65 0.30
N SER A 144 8.36 29.37 1.60
CA SER A 144 8.92 28.16 2.15
C SER A 144 8.57 26.85 1.40
N VAL A 145 7.39 26.76 0.82
CA VAL A 145 6.98 25.53 0.16
C VAL A 145 7.91 25.16 -0.98
N ASN A 146 8.12 26.08 -1.91
CA ASN A 146 9.01 25.88 -3.02
C ASN A 146 10.43 25.59 -2.57
N ALA A 147 10.86 26.29 -1.55
CA ALA A 147 12.15 26.10 -0.98
C ALA A 147 12.35 24.69 -0.42
N HIS A 148 11.28 23.93 -0.18
CA HIS A 148 11.46 22.56 0.31
C HIS A 148 11.41 21.46 -0.72
N ILE A 149 11.59 21.80 -1.99
CA ILE A 149 11.55 20.82 -3.07
C ILE A 149 12.51 19.65 -2.81
N ASP A 150 13.73 19.94 -2.40
CA ASP A 150 14.71 18.88 -2.15
C ASP A 150 14.30 18.03 -0.96
N PHE A 151 13.77 18.65 0.09
CA PHE A 151 13.25 17.93 1.25
C PHE A 151 12.13 16.96 0.82
N PHE A 152 11.17 17.46 0.05
CA PHE A 152 10.06 16.59 -0.38
C PHE A 152 10.63 15.35 -1.13
N LYS A 153 11.56 15.58 -2.06
CA LYS A 153 12.10 14.47 -2.84
C LYS A 153 12.83 13.47 -1.98
N LYS A 154 13.61 13.97 -1.04
CA LYS A 154 14.41 13.11 -0.20
C LYS A 154 13.57 12.18 0.65
N TYR A 155 12.42 12.66 1.11
CA TYR A 155 11.58 11.87 1.98
C TYR A 155 10.37 11.28 1.29
N HIS A 156 10.46 11.14 -0.02
CA HIS A 156 9.38 10.51 -0.81
C HIS A 156 8.06 11.18 -0.61
N LEU A 157 8.09 12.51 -0.51
CA LEU A 157 6.87 13.31 -0.49
C LEU A 157 6.64 13.84 -1.90
N ASP A 158 6.31 12.92 -2.79
CA ASP A 158 6.19 13.22 -4.20
C ASP A 158 4.73 13.21 -4.66
N ALA A 159 3.85 12.71 -3.80
CA ALA A 159 2.51 12.41 -4.19
C ALA A 159 1.51 13.17 -3.28
N LEU A 160 1.04 14.28 -3.79
CA LEU A 160 0.21 15.21 -3.05
C LEU A 160 -1.20 14.72 -3.11
N CYS A 161 -1.83 14.58 -1.94
CA CYS A 161 -3.17 14.03 -1.89
C CYS A 161 -4.21 14.97 -1.29
N ALA A 162 -3.76 16.07 -0.70
CA ALA A 162 -4.68 17.12 -0.23
C ALA A 162 -3.92 18.40 0.10
N LEU A 163 -4.68 19.48 0.23
CA LEU A 163 -4.18 20.78 0.67
C LEU A 163 -5.19 21.37 1.65
N THR A 164 -4.71 22.24 2.54
CA THR A 164 -5.58 22.99 3.38
C THR A 164 -5.08 24.40 3.63
N VAL A 165 -6.04 25.25 4.01
CA VAL A 165 -5.76 26.60 4.47
C VAL A 165 -6.28 26.75 5.89
N ASP A 166 -5.38 27.13 6.80
CA ASP A 166 -5.76 27.41 8.18
C ASP A 166 -5.85 28.92 8.33
N TYR A 167 -7.08 29.40 8.33
CA TYR A 167 -7.39 30.83 8.48
C TYR A 167 -7.03 31.36 9.86
N ARG A 168 -7.09 30.51 10.87
CA ARG A 168 -6.85 30.97 12.22
C ARG A 168 -5.34 31.06 12.46
N ASN A 169 -4.62 30.00 12.14
CA ASN A 169 -3.21 29.92 12.44
C ASN A 169 -2.37 30.69 11.43
N LYS A 170 -2.99 31.03 10.31
CA LYS A 170 -2.32 31.54 9.13
C LYS A 170 -1.24 30.60 8.61
N SER A 171 -1.64 29.41 8.23
CA SER A 171 -0.73 28.40 7.73
C SER A 171 -1.43 27.57 6.66
N THR A 172 -0.68 26.67 6.02
CA THR A 172 -1.20 25.76 5.02
C THR A 172 -0.49 24.44 5.20
N ASN A 173 -1.21 23.36 4.99
CA ASN A 173 -0.66 22.01 5.06
C ASN A 173 -0.71 21.43 3.67
N LEU A 174 0.39 20.80 3.28
CA LEU A 174 0.42 19.89 2.15
C LEU A 174 0.39 18.47 2.69
N TYR A 175 -0.50 17.65 2.11
CA TYR A 175 -0.69 16.28 2.54
C TYR A 175 -0.16 15.36 1.45
N PHE A 176 0.59 14.34 1.87
CA PHE A 176 1.15 13.35 1.00
C PHE A 176 0.62 11.95 1.24
N ASP A 177 0.51 11.23 0.14
CA ASP A 177 0.24 9.79 0.12
C ASP A 177 1.54 9.07 0.45
N ALA A 178 1.60 8.45 1.62
CA ALA A 178 2.84 7.85 2.12
C ALA A 178 3.01 6.43 1.56
N HIS A 179 3.20 6.35 0.26
CA HIS A 179 3.16 5.08 -0.46
C HIS A 179 4.50 4.36 -0.42
N HIS A 180 5.59 5.07 -0.16
CA HIS A 180 6.93 4.50 -0.41
C HIS A 180 7.31 3.47 0.64
N PRO A 181 7.89 2.33 0.20
CA PRO A 181 8.25 1.31 1.20
C PRO A 181 9.22 1.80 2.31
N GLU A 182 10.04 2.80 2.05
CA GLU A 182 10.85 3.35 3.14
C GLU A 182 9.98 3.93 4.27
N GLN A 183 8.77 4.40 3.92
CA GLN A 183 7.79 4.89 4.92
C GLN A 183 7.09 3.81 5.77
N ARG A 184 7.44 2.55 5.50
CA ARG A 184 7.06 1.45 6.33
C ARG A 184 8.17 1.10 7.36
N THR A 185 9.21 1.94 7.47
CA THR A 185 10.28 1.68 8.42
C THR A 185 10.36 2.73 9.50
N THR A 186 10.76 2.32 10.70
CA THR A 186 10.78 3.27 11.82
C THR A 186 11.88 4.29 11.57
N GLN A 187 12.93 3.90 10.86
CA GLN A 187 14.03 4.80 10.63
C GLN A 187 13.62 6.02 9.82
N PHE A 188 12.71 5.84 8.86
CA PHE A 188 12.20 6.98 8.09
C PHE A 188 11.67 8.09 9.01
N TYR A 189 10.86 7.70 9.97
CA TYR A 189 10.21 8.66 10.84
C TYR A 189 11.22 9.37 11.73
N LYS A 190 12.20 8.62 12.23
CA LYS A 190 13.33 9.22 12.98
C LYS A 190 14.01 10.28 12.16
N ASN A 191 14.33 9.91 10.93
CA ASN A 191 15.08 10.75 10.04
C ASN A 191 14.27 11.98 9.67
N ILE A 192 12.99 11.82 9.32
CA ILE A 192 12.26 13.01 8.86
C ILE A 192 12.06 14.02 10.01
N LEU A 193 11.78 13.52 11.18
CA LEU A 193 11.68 14.34 12.39
C LEU A 193 13.01 15.02 12.75
N GLN A 194 14.09 14.26 12.77
CA GLN A 194 15.39 14.83 13.09
C GLN A 194 15.85 15.82 12.01
N SER A 195 15.35 15.69 10.78
CA SER A 195 15.63 16.69 9.74
C SER A 195 15.14 18.08 10.11
N GLN A 196 14.12 18.15 10.93
CA GLN A 196 13.56 19.44 11.33
C GLN A 196 13.88 19.75 12.77
N GLN A 197 14.69 18.91 13.40
CA GLN A 197 14.96 19.08 14.83
C GLN A 197 13.70 18.98 15.65
N PHE A 198 12.84 18.02 15.28
CA PHE A 198 11.63 17.77 16.04
C PHE A 198 11.90 16.62 17.02
N GLU A 199 11.09 16.60 18.06
CA GLU A 199 11.00 15.50 19.02
C GLU A 199 10.77 14.14 18.36
N VAL A 200 11.59 13.15 18.68
CA VAL A 200 11.40 11.82 18.14
C VAL A 200 10.68 11.01 19.18
N PRO A 201 9.54 10.38 18.83
CA PRO A 201 8.78 9.68 19.87
C PRO A 201 9.38 8.31 20.22
N SER A 202 8.76 7.65 21.19
CA SER A 202 9.18 6.33 21.68
C SER A 202 9.15 5.33 20.55
N ASP A 203 9.76 4.18 20.79
CA ASP A 203 9.78 3.11 19.82
C ASP A 203 8.40 2.57 19.63
N GLU A 204 7.65 2.54 20.73
CA GLU A 204 6.28 2.12 20.69
C GLU A 204 5.48 2.91 19.66
N VAL A 205 5.61 4.23 19.70
CA VAL A 205 4.92 5.12 18.76
C VAL A 205 5.49 4.99 17.35
N LEU A 206 6.82 4.90 17.22
CA LEU A 206 7.41 4.63 15.90
C LEU A 206 6.82 3.40 15.24
N GLU A 207 6.50 2.39 16.03
CA GLU A 207 5.99 1.14 15.48
C GLU A 207 4.59 1.32 14.94
N ILE A 208 3.88 2.33 15.46
CA ILE A 208 2.54 2.65 14.99
C ILE A 208 2.63 3.45 13.71
N LEU A 209 3.59 4.38 13.66
CA LEU A 209 3.76 5.27 12.52
C LEU A 209 4.05 4.58 11.21
N VAL A 210 4.67 3.40 11.25
CA VAL A 210 4.99 2.68 10.03
C VAL A 210 3.77 2.26 9.22
N ASN A 211 2.58 2.29 9.83
CA ASN A 211 1.33 2.03 9.12
C ASN A 211 0.66 3.30 8.57
N CYS A 212 1.31 4.43 8.73
CA CYS A 212 0.72 5.71 8.36
C CYS A 212 0.56 5.88 6.84
N PRO A 213 -0.68 6.07 6.36
CA PRO A 213 -0.82 6.25 4.91
C PRO A 213 -0.70 7.70 4.42
N GLU A 214 -0.67 8.66 5.35
CA GLU A 214 -0.77 10.07 5.02
C GLU A 214 0.13 10.89 5.91
N ILE A 215 0.92 11.76 5.29
CA ILE A 215 1.84 12.66 6.00
C ILE A 215 1.48 14.10 5.64
N ALA A 216 1.23 14.91 6.65
CA ALA A 216 1.00 16.35 6.47
C ALA A 216 2.26 17.12 6.87
N VAL A 217 2.50 18.20 6.13
CA VAL A 217 3.60 19.13 6.42
C VAL A 217 3.05 20.56 6.47
N THR A 218 3.29 21.24 7.57
CA THR A 218 2.71 22.58 7.78
C THR A 218 3.77 23.66 7.44
N PHE A 219 3.34 24.68 6.70
CA PHE A 219 4.16 25.83 6.29
C PHE A 219 3.43 27.11 6.63
N ASN A 220 4.18 28.19 6.83
CA ASN A 220 3.57 29.47 7.11
C ASN A 220 4.39 30.63 6.53
N TRP A 221 3.83 31.83 6.62
CA TRP A 221 4.33 33.00 5.92
C TRP A 221 5.29 33.78 6.81
N SER A 222 5.42 33.40 8.07
CA SER A 222 6.22 34.15 9.01
C SER A 222 7.61 33.56 9.24
N SER A 223 7.85 32.38 8.69
CA SER A 223 9.14 31.71 8.90
C SER A 223 9.51 30.86 7.69
N PRO A 224 10.81 30.59 7.51
CA PRO A 224 11.24 29.83 6.33
C PRO A 224 11.11 28.32 6.50
N GLY A 225 10.83 27.86 7.71
CA GLY A 225 10.94 26.42 8.04
C GLY A 225 9.57 25.73 8.13
N ILE A 226 9.60 24.41 8.22
CA ILE A 226 8.40 23.62 8.51
C ILE A 226 7.92 23.91 9.94
N GLU A 227 6.66 24.30 10.09
CA GLU A 227 6.12 24.59 11.42
C GLU A 227 5.94 23.33 12.29
N ARG A 228 5.38 22.29 11.68
CA ARG A 228 5.09 21.05 12.33
C ARG A 228 4.74 20.03 11.24
N MET A 229 4.82 18.74 11.57
CA MET A 229 4.32 17.70 10.66
C MET A 229 3.49 16.69 11.42
N CYS A 230 2.70 15.93 10.68
CA CYS A 230 1.74 15.05 11.28
C CYS A 230 1.58 13.76 10.48
N PHE A 231 1.55 12.65 11.19
CA PHE A 231 1.44 11.31 10.65
C PHE A 231 0.07 10.71 11.04
N TYR A 232 -0.73 10.35 10.04
CA TYR A 232 -2.10 9.95 10.29
C TYR A 232 -2.21 8.45 10.14
N THR A 233 -2.92 7.83 11.08
CA THR A 233 -3.11 6.38 11.13
C THR A 233 -4.58 6.15 11.49
N ALA A 234 -5.26 5.26 10.78
CA ALA A 234 -6.62 4.92 11.09
C ALA A 234 -6.73 3.59 11.80
N PHE A 235 -7.78 3.48 12.62
CA PHE A 235 -8.10 2.26 13.38
C PHE A 235 -9.58 1.96 13.19
N VAL A 236 -9.91 0.71 12.87
CA VAL A 236 -11.23 0.42 12.32
C VAL A 236 -12.29 0.26 13.43
N ASN A 237 -11.90 0.28 14.70
CA ASN A 237 -12.88 0.26 15.79
C ASN A 237 -12.27 0.78 17.08
N ARG A 238 -13.08 0.85 18.14
CA ARG A 238 -12.66 1.40 19.43
C ARG A 238 -11.45 0.66 20.03
N GLU A 239 -11.54 -0.68 19.97
CA GLU A 239 -10.60 -1.55 20.65
C GLU A 239 -9.23 -1.50 20.01
N THR A 240 -9.16 -1.26 18.71
CA THR A 240 -7.86 -1.26 18.03
C THR A 240 -7.11 0.06 18.12
N VAL A 241 -7.73 1.11 18.65
CA VAL A 241 -6.99 2.35 18.88
C VAL A 241 -5.95 2.04 19.95
N PRO A 242 -4.75 2.64 19.87
CA PRO A 242 -3.75 2.29 20.91
C PRO A 242 -3.99 3.07 22.18
N GLN A 243 -4.99 2.63 22.93
CA GLN A 243 -5.53 3.36 24.05
C GLN A 243 -4.50 3.53 25.16
N HIS A 244 -3.57 2.57 25.23
CA HIS A 244 -2.50 2.56 26.23
C HIS A 244 -1.48 3.67 26.01
N ILE A 245 -1.40 4.25 24.83
CA ILE A 245 -0.35 5.24 24.58
C ILE A 245 -0.57 6.51 25.38
N ASN A 246 -1.82 6.93 25.54
CA ASN A 246 -2.11 8.25 26.09
C ASN A 246 -3.55 8.26 26.61
N PRO A 247 -3.81 8.90 27.76
CA PRO A 247 -5.17 8.84 28.33
C PRO A 247 -6.28 9.44 27.44
N VAL A 248 -5.96 10.43 26.62
CA VAL A 248 -6.96 11.02 25.73
C VAL A 248 -7.40 10.03 24.64
N LEU A 249 -6.45 9.24 24.14
CA LEU A 249 -6.75 8.17 23.22
C LEU A 249 -7.65 7.15 23.85
N LYS A 250 -7.34 6.71 25.06
CA LYS A 250 -8.19 5.75 25.74
C LYS A 250 -9.60 6.29 25.97
N LYS A 251 -9.69 7.48 26.54
CA LYS A 251 -10.97 7.98 26.92
C LYS A 251 -11.82 8.23 25.66
N PHE A 252 -11.24 8.87 24.64
CA PHE A 252 -11.97 9.17 23.41
C PHE A 252 -12.42 7.88 22.72
N ALA A 253 -11.51 6.92 22.59
CA ALA A 253 -11.86 5.68 21.92
C ALA A 253 -13.05 5.04 22.62
N GLN A 254 -13.01 5.03 23.94
CA GLN A 254 -14.02 4.33 24.71
C GLN A 254 -15.31 5.10 24.75
N GLU A 255 -15.25 6.44 24.75
CA GLU A 255 -16.41 7.26 25.06
C GLU A 255 -16.94 8.15 23.93
N ALA A 256 -16.19 8.34 22.86
CA ALA A 256 -16.60 9.25 21.80
C ALA A 256 -17.95 8.79 21.26
N PRO A 257 -18.87 9.74 21.03
CA PRO A 257 -20.18 9.39 20.49
C PRO A 257 -20.10 9.14 19.00
N ALA A 258 -20.96 8.27 18.50
CA ALA A 258 -21.09 8.06 17.08
C ALA A 258 -22.53 7.61 16.85
N LEU A 259 -23.02 7.83 15.64
CA LEU A 259 -24.42 7.50 15.33
C LEU A 259 -24.42 6.06 14.85
N LEU A 260 -23.30 5.66 14.31
CA LEU A 260 -23.02 4.28 14.07
C LEU A 260 -22.58 3.60 15.34
N ASP A 261 -22.98 2.34 15.47
CA ASP A 261 -22.66 1.59 16.67
C ASP A 261 -21.21 1.14 16.86
N ASN A 262 -20.43 0.85 15.83
CA ASN A 262 -18.97 0.72 16.09
C ASN A 262 -18.17 1.51 15.09
N PRO A 263 -17.83 2.73 15.49
CA PRO A 263 -17.02 3.62 14.68
C PRO A 263 -15.55 3.25 14.67
N GLY A 264 -14.88 3.59 13.57
CA GLY A 264 -13.44 3.70 13.55
C GLY A 264 -12.98 5.07 13.97
N PHE A 265 -11.66 5.26 13.95
CA PHE A 265 -11.03 6.51 14.36
C PHE A 265 -9.83 6.82 13.44
N LEU A 266 -9.51 8.11 13.32
CA LEU A 266 -8.28 8.58 12.67
C LEU A 266 -7.47 9.31 13.71
N VAL A 267 -6.24 8.86 13.90
CA VAL A 267 -5.31 9.50 14.86
C VAL A 267 -4.20 10.20 14.08
N GLY A 268 -3.99 11.47 14.42
CA GLY A 268 -2.86 12.22 13.92
C GLY A 268 -1.80 12.38 14.99
N TRP A 269 -0.58 11.98 14.67
CA TRP A 269 0.58 12.15 15.55
C TRP A 269 1.39 13.35 15.07
N SER A 270 1.18 14.49 15.73
CA SER A 270 1.84 15.74 15.38
C SER A 270 3.16 15.86 16.14
N PHE A 271 4.14 16.42 15.46
CA PHE A 271 5.44 16.73 16.01
C PHE A 271 5.87 18.12 15.61
N GLY A 272 6.52 18.81 16.53
CA GLY A 272 7.14 20.09 16.26
C GLY A 272 8.40 20.29 17.07
N PRO A 273 8.90 21.53 17.12
CA PRO A 273 10.19 21.82 17.75
C PRO A 273 10.30 21.36 19.20
N ASP A 274 9.33 21.73 20.05
CA ASP A 274 9.41 21.54 21.50
C ASP A 274 9.44 22.84 22.33
N LYS A 277 4.71 24.75 20.29
CA LYS A 277 5.40 23.50 20.59
C LYS A 277 5.22 22.42 19.48
N GLY A 278 3.98 22.01 19.17
CA GLY A 278 3.67 21.28 17.93
C GLY A 278 3.64 19.75 18.04
N THR A 279 3.95 19.22 19.23
CA THR A 279 3.96 17.78 19.48
C THR A 279 2.77 17.37 20.32
N TYR A 280 1.83 16.65 19.72
CA TYR A 280 0.56 16.31 20.38
C TYR A 280 -0.21 15.35 19.50
N ILE A 281 -1.33 14.89 20.03
CA ILE A 281 -2.12 13.88 19.38
C ILE A 281 -3.51 14.45 19.02
N LYS A 282 -4.05 14.01 17.90
CA LYS A 282 -5.36 14.43 17.40
C LYS A 282 -6.12 13.14 17.19
N ILE A 283 -7.35 13.06 17.67
CA ILE A 283 -8.16 11.87 17.39
C ILE A 283 -9.58 12.22 17.00
N ASP A 284 -10.00 11.65 15.87
CA ASP A 284 -11.31 11.92 15.26
C ASP A 284 -12.12 10.62 15.32
N VAL A 285 -13.37 10.70 15.78
CA VAL A 285 -14.30 9.61 15.65
C VAL A 285 -15.02 9.64 14.31
N ASP A 286 -15.10 8.51 13.63
CA ASP A 286 -15.82 8.39 12.36
C ASP A 286 -17.33 8.27 12.65
N TYR A 287 -17.97 9.41 12.83
CA TYR A 287 -19.27 9.49 13.45
C TYR A 287 -20.38 8.69 12.70
N HIS A 288 -20.35 8.71 11.37
CA HIS A 288 -21.30 7.99 10.53
C HIS A 288 -20.67 6.76 9.89
N GLY A 289 -19.37 6.59 10.09
CA GLY A 289 -18.66 5.45 9.50
C GLY A 289 -18.22 5.61 8.06
N LEU A 290 -18.28 6.82 7.51
CA LEU A 290 -17.87 7.06 6.13
C LEU A 290 -16.38 7.39 5.97
N VAL A 291 -15.82 8.03 6.98
CA VAL A 291 -14.48 8.66 6.84
C VAL A 291 -13.34 7.63 6.73
N VAL A 292 -13.39 6.59 7.54
CA VAL A 292 -12.30 5.62 7.56
C VAL A 292 -12.17 4.79 6.27
N PRO A 293 -13.29 4.25 5.73
CA PRO A 293 -13.21 3.61 4.43
C PRO A 293 -12.71 4.54 3.35
N SER A 294 -13.15 5.79 3.41
CA SER A 294 -12.74 6.74 2.40
C SER A 294 -11.24 7.08 2.51
N PHE A 295 -10.73 7.09 3.74
CA PHE A 295 -9.29 7.31 3.96
C PHE A 295 -8.44 6.19 3.34
N PHE A 296 -8.83 4.95 3.57
CA PHE A 296 -8.12 3.84 2.93
C PHE A 296 -8.25 3.90 1.42
N HIS A 297 -9.46 4.15 0.93
CA HIS A 297 -9.66 4.22 -0.52
C HIS A 297 -8.84 5.33 -1.18
N MET A 298 -8.82 6.52 -0.59
CA MET A 298 -8.04 7.60 -1.15
C MET A 298 -6.55 7.32 -1.20
N HIS A 299 -6.06 6.41 -0.37
CA HIS A 299 -4.65 5.99 -0.41
C HIS A 299 -4.44 4.63 -1.04
N ASN A 300 -5.41 4.15 -1.81
CA ASN A 300 -5.24 2.93 -2.60
C ASN A 300 -4.86 1.75 -1.71
N LEU A 301 -5.50 1.68 -0.54
CA LEU A 301 -5.25 0.60 0.40
C LEU A 301 -6.54 -0.19 0.58
N PRO A 302 -6.42 -1.52 0.54
CA PRO A 302 -7.57 -2.33 1.03
C PRO A 302 -7.96 -1.97 2.45
N LEU A 303 -9.25 -2.06 2.75
CA LEU A 303 -9.74 -1.81 4.11
C LEU A 303 -9.24 -2.91 5.11
N PRO A 304 -8.72 -2.51 6.31
CA PRO A 304 -8.44 -3.51 7.36
C PRO A 304 -9.60 -3.76 8.34
N ALA B 3 10.75 -40.12 7.60
CA ALA B 3 9.55 -39.20 7.73
C ALA B 3 8.30 -39.95 8.21
N GLY B 4 7.53 -39.30 9.10
CA GLY B 4 6.41 -39.98 9.76
C GLY B 4 5.18 -40.11 8.88
N ALA B 5 4.20 -40.86 9.34
CA ALA B 5 3.08 -41.25 8.53
C ALA B 5 2.25 -40.02 8.15
N GLY B 6 2.03 -39.12 9.11
CA GLY B 6 1.25 -37.92 8.82
C GLY B 6 1.90 -37.08 7.72
N ALA B 7 3.18 -36.80 7.86
CA ALA B 7 3.91 -36.03 6.84
C ALA B 7 3.85 -36.73 5.49
N MET B 8 4.09 -38.06 5.45
CA MET B 8 4.14 -38.79 4.20
C MET B 8 2.76 -38.80 3.54
N THR B 9 1.71 -38.79 4.34
CA THR B 9 0.35 -38.69 3.84
C THR B 9 0.13 -37.36 3.11
N ILE B 10 0.65 -36.27 3.68
CA ILE B 10 0.58 -34.98 3.01
C ILE B 10 1.45 -34.97 1.76
N VAL B 11 2.65 -35.53 1.86
CA VAL B 11 3.52 -35.57 0.71
C VAL B 11 2.85 -36.28 -0.45
N ASN B 12 2.23 -37.43 -0.20
CA ASN B 12 1.66 -38.23 -1.26
C ASN B 12 0.42 -37.56 -1.81
N ARG B 13 -0.30 -36.83 -0.98
CA ARG B 13 -1.47 -36.09 -1.39
C ARG B 13 -1.06 -34.98 -2.36
N ILE B 14 0.00 -34.28 -1.99
CA ILE B 14 0.59 -33.30 -2.89
C ILE B 14 1.03 -33.87 -4.23
N ARG B 15 1.78 -34.97 -4.20
CA ARG B 15 2.30 -35.61 -5.40
C ARG B 15 1.16 -36.01 -6.32
N THR B 16 0.11 -36.57 -5.74
CA THR B 16 -1.07 -36.96 -6.51
C THR B 16 -1.82 -35.77 -7.10
N ASP B 17 -2.07 -34.75 -6.29
CA ASP B 17 -2.73 -33.55 -6.76
C ASP B 17 -1.95 -32.91 -7.93
N VAL B 18 -0.64 -32.93 -7.82
CA VAL B 18 0.19 -32.34 -8.86
C VAL B 18 0.06 -33.10 -10.18
N VAL B 19 0.30 -34.41 -10.14
CA VAL B 19 0.06 -35.22 -11.32
C VAL B 19 -1.34 -35.04 -11.90
N ASN B 20 -2.35 -34.93 -11.04
CA ASN B 20 -3.72 -34.80 -11.51
C ASN B 20 -3.94 -33.48 -12.24
N VAL B 21 -3.31 -32.41 -11.76
CA VAL B 21 -3.33 -31.15 -12.47
C VAL B 21 -2.72 -31.28 -13.87
N ALA B 22 -1.57 -31.94 -13.95
CA ALA B 22 -0.89 -32.07 -15.24
C ALA B 22 -1.77 -32.82 -16.22
N LYS B 23 -2.36 -33.89 -15.76
CA LYS B 23 -3.20 -34.74 -16.59
C LYS B 23 -4.39 -33.95 -17.05
N SER B 24 -5.03 -33.23 -16.13
CA SER B 24 -6.23 -32.49 -16.48
C SER B 24 -5.96 -31.44 -17.56
N PHE B 25 -4.78 -30.82 -17.55
CA PHE B 25 -4.46 -29.77 -18.52
C PHE B 25 -3.68 -30.29 -19.71
N GLY B 26 -3.33 -31.57 -19.71
CA GLY B 26 -2.55 -32.13 -20.79
C GLY B 26 -1.09 -31.73 -20.78
N ALA B 27 -0.57 -31.40 -19.61
CA ALA B 27 0.81 -30.98 -19.47
C ALA B 27 1.68 -32.21 -19.38
N GLU B 28 2.91 -32.07 -19.86
CA GLU B 28 3.90 -33.13 -19.82
C GLU B 28 4.43 -33.19 -18.39
N TYR B 29 4.80 -34.40 -17.97
CA TYR B 29 5.49 -34.59 -16.69
C TYR B 29 6.32 -35.88 -16.75
N SER B 30 7.30 -36.00 -15.87
CA SER B 30 8.21 -37.14 -15.88
C SER B 30 8.22 -37.73 -14.50
N GLU B 31 7.84 -39.01 -14.39
CA GLU B 31 7.85 -39.67 -13.09
C GLU B 31 9.23 -39.62 -12.43
N ALA B 32 10.29 -39.74 -13.22
CA ALA B 32 11.64 -39.77 -12.67
C ALA B 32 11.98 -38.39 -12.13
N VAL B 33 11.58 -37.37 -12.87
CA VAL B 33 11.87 -35.99 -12.45
C VAL B 33 11.06 -35.70 -11.19
N ILE B 34 9.81 -36.12 -11.15
CA ILE B 34 9.03 -35.88 -9.93
C ILE B 34 9.64 -36.58 -8.72
N ASP B 35 10.03 -37.85 -8.88
CA ASP B 35 10.68 -38.57 -7.81
C ASP B 35 11.89 -37.78 -7.25
N GLN B 36 12.76 -37.30 -8.13
CA GLN B 36 13.94 -36.54 -7.75
C GLN B 36 13.57 -35.28 -6.98
N ILE B 37 12.57 -34.55 -7.45
CA ILE B 37 12.10 -33.35 -6.75
C ILE B 37 11.57 -33.67 -5.38
N PHE B 38 10.64 -34.64 -5.28
CA PHE B 38 9.98 -34.96 -4.02
C PHE B 38 10.95 -35.60 -3.03
N GLN B 39 11.98 -36.26 -3.53
CA GLN B 39 12.98 -36.81 -2.64
C GLN B 39 13.69 -35.67 -1.95
N GLY B 40 14.11 -34.65 -2.68
CA GLY B 40 14.80 -33.54 -2.06
C GLY B 40 13.86 -32.61 -1.31
N PHE B 41 12.68 -32.37 -1.85
CA PHE B 41 11.90 -31.21 -1.43
C PHE B 41 10.54 -31.52 -0.87
N GLY B 42 10.15 -32.79 -0.89
CA GLY B 42 8.79 -33.17 -0.51
C GLY B 42 8.38 -32.71 0.86
N GLU B 43 9.31 -32.79 1.81
CA GLU B 43 9.02 -32.35 3.17
C GLU B 43 8.75 -30.84 3.27
N LYS B 44 9.56 -30.07 2.60
CA LYS B 44 9.30 -28.65 2.51
C LYS B 44 7.92 -28.36 1.93
N PHE B 45 7.54 -29.10 0.88
CA PHE B 45 6.28 -28.82 0.21
C PHE B 45 5.12 -28.91 1.23
N THR B 46 5.28 -29.73 2.27
CA THR B 46 4.17 -29.98 3.21
C THR B 46 3.89 -28.84 4.17
N ASN B 47 4.83 -27.94 4.39
CA ASN B 47 4.62 -26.93 5.42
C ASN B 47 5.35 -25.59 5.21
N THR B 48 5.60 -25.25 3.97
CA THR B 48 6.07 -23.93 3.61
C THR B 48 5.05 -23.34 2.64
N GLY B 49 5.42 -22.23 2.04
CA GLY B 49 4.52 -21.54 1.13
C GLY B 49 4.53 -22.20 -0.22
N PHE B 50 3.77 -23.31 -0.34
CA PHE B 50 3.79 -24.16 -1.52
C PHE B 50 2.63 -23.82 -2.48
N ALA B 51 2.93 -23.86 -3.77
CA ALA B 51 1.94 -23.58 -4.78
C ALA B 51 2.12 -24.46 -6.00
N ILE B 52 1.00 -24.70 -6.71
CA ILE B 52 1.00 -25.34 -8.00
C ILE B 52 0.55 -24.32 -9.04
N ARG B 53 1.32 -24.24 -10.12
CA ARG B 53 1.12 -23.28 -11.18
C ARG B 53 0.79 -23.98 -12.48
N VAL B 54 -0.14 -23.41 -13.20
CA VAL B 54 -0.21 -23.66 -14.64
C VAL B 54 0.01 -22.38 -15.42
N GLN B 55 0.58 -22.52 -16.62
CA GLN B 55 0.75 -21.40 -17.51
C GLN B 55 0.54 -21.86 -18.95
N ASN B 56 0.09 -20.94 -19.82
CA ASN B 56 -0.33 -21.30 -21.18
C ASN B 56 0.42 -20.52 -22.25
N LYS B 57 1.69 -20.83 -22.46
CA LYS B 57 2.38 -20.20 -23.59
C LYS B 57 1.80 -20.57 -24.96
N ARG B 58 1.80 -19.58 -25.84
CA ARG B 58 1.11 -19.68 -27.13
C ARG B 58 1.60 -20.91 -27.94
N ASN B 59 0.64 -21.67 -28.47
CA ASN B 59 0.93 -22.78 -29.37
C ASN B 59 1.93 -23.76 -28.77
N GLN B 60 1.78 -24.01 -27.48
CA GLN B 60 2.40 -25.18 -26.89
C GLN B 60 1.54 -25.74 -25.76
N LYS B 61 1.98 -26.88 -25.23
CA LYS B 61 1.30 -27.47 -24.12
C LYS B 61 1.29 -26.49 -22.93
N VAL B 62 0.22 -26.52 -22.14
CA VAL B 62 0.27 -26.01 -20.79
C VAL B 62 1.44 -26.61 -20.02
N ASP B 63 2.16 -25.79 -19.25
CA ASP B 63 3.21 -26.28 -18.39
C ASP B 63 2.67 -26.32 -16.96
N CYS B 64 3.11 -27.33 -16.22
CA CYS B 64 2.84 -27.44 -14.81
C CYS B 64 4.12 -27.27 -13.97
N ASN B 65 4.08 -26.28 -13.09
CA ASN B 65 5.18 -25.99 -12.18
C ASN B 65 4.76 -26.08 -10.75
N ILE B 66 5.68 -26.53 -9.90
CA ILE B 66 5.42 -26.52 -8.47
C ILE B 66 6.55 -25.72 -7.82
N ARG B 67 6.24 -25.08 -6.71
CA ARG B 67 7.15 -24.07 -6.16
C ARG B 67 6.85 -23.87 -4.69
N TYR B 68 7.88 -23.40 -3.97
CA TYR B 68 7.68 -22.98 -2.59
C TYR B 68 8.66 -21.92 -2.19
N GLY B 69 8.32 -21.23 -1.11
CA GLY B 69 9.22 -20.28 -0.49
C GLY B 69 9.15 -20.45 1.02
N GLU B 70 10.22 -20.08 1.72
CA GLU B 70 10.15 -19.97 3.17
C GLU B 70 11.09 -18.91 3.68
N ALA B 71 10.81 -18.46 4.90
CA ALA B 71 11.49 -17.29 5.49
C ALA B 71 12.75 -17.80 6.21
N LYS B 72 13.75 -18.19 5.42
CA LYS B 72 15.08 -18.45 5.93
C LYS B 72 16.03 -17.46 5.27
N GLU B 73 17.10 -17.14 5.97
CA GLU B 73 18.10 -16.19 5.51
C GLU B 73 19.11 -16.79 4.55
N ASN B 74 19.22 -18.11 4.53
CA ASN B 74 20.17 -18.80 3.68
C ASN B 74 19.43 -19.56 2.59
N CYS B 75 20.07 -19.74 1.44
CA CYS B 75 19.48 -20.42 0.29
C CYS B 75 19.52 -21.95 0.38
N LEU B 76 18.60 -22.52 1.15
CA LEU B 76 18.61 -23.94 1.47
C LEU B 76 18.41 -24.82 0.27
N ALA B 77 17.70 -24.30 -0.73
CA ALA B 77 17.35 -25.11 -1.89
C ALA B 77 18.57 -25.44 -2.72
N TRP B 78 19.58 -24.57 -2.67
CA TRP B 78 20.78 -24.79 -3.45
C TRP B 78 21.47 -26.10 -3.10
N ASP B 79 21.82 -26.32 -1.83
CA ASP B 79 22.48 -27.60 -1.49
C ASP B 79 21.55 -28.77 -1.69
N ILE B 80 20.27 -28.59 -1.34
CA ILE B 80 19.34 -29.69 -1.57
C ILE B 80 19.33 -30.06 -3.05
N ALA B 81 19.17 -29.06 -3.91
CA ALA B 81 19.06 -29.31 -5.35
C ALA B 81 20.36 -29.98 -5.86
N ARG B 82 21.51 -29.49 -5.41
CA ARG B 82 22.81 -30.05 -5.85
C ARG B 82 22.92 -31.54 -5.46
N GLU B 83 22.73 -31.84 -4.17
CA GLU B 83 22.73 -33.23 -3.70
C GLU B 83 21.70 -34.10 -4.40
N SER B 84 20.56 -33.55 -4.77
CA SER B 84 19.46 -34.35 -5.34
C SER B 84 19.66 -34.67 -6.83
N GLY B 85 20.71 -34.14 -7.44
CA GLY B 85 20.88 -34.25 -8.89
C GLY B 85 20.24 -33.18 -9.76
N LEU B 86 19.53 -32.25 -9.14
CA LEU B 86 18.62 -31.37 -9.88
C LEU B 86 19.30 -30.12 -10.42
N LEU B 87 20.52 -29.85 -9.95
CA LEU B 87 21.21 -28.62 -10.28
C LEU B 87 22.69 -28.88 -10.44
N SER B 88 23.10 -28.94 -11.70
CA SER B 88 24.53 -28.95 -11.98
C SER B 88 24.96 -27.79 -12.86
N ASP B 89 26.25 -27.54 -12.85
CA ASP B 89 26.81 -26.40 -13.55
C ASP B 89 26.80 -26.65 -15.04
N GLN B 90 26.48 -25.61 -15.78
CA GLN B 90 26.37 -25.67 -17.22
C GLN B 90 27.53 -24.89 -17.89
N GLY B 91 28.38 -24.23 -17.12
CA GLY B 91 29.33 -23.29 -17.72
C GLY B 91 28.66 -22.05 -18.28
N HIS B 92 27.98 -21.33 -17.40
CA HIS B 92 27.14 -20.21 -17.77
C HIS B 92 27.02 -19.34 -16.56
N PRO B 93 26.84 -18.02 -16.78
CA PRO B 93 26.81 -17.14 -15.60
C PRO B 93 25.71 -17.46 -14.59
N VAL B 94 24.66 -18.18 -14.98
CA VAL B 94 23.69 -18.63 -13.97
C VAL B 94 24.32 -19.49 -12.89
N ASP B 95 25.40 -20.23 -13.22
CA ASP B 95 25.96 -21.19 -12.26
C ASP B 95 26.31 -20.55 -10.94
N THR B 96 26.72 -19.28 -10.96
CA THR B 96 27.15 -18.62 -9.75
C THR B 96 26.24 -17.46 -9.32
N LEU B 97 25.17 -17.18 -10.05
CA LEU B 97 24.44 -15.95 -9.80
C LEU B 97 23.71 -15.96 -8.46
N ILE B 98 22.99 -17.03 -8.14
CA ILE B 98 22.24 -17.04 -6.88
C ILE B 98 23.17 -16.87 -5.66
N GLN B 99 24.34 -17.51 -5.72
CA GLN B 99 25.33 -17.35 -4.64
C GLN B 99 25.74 -15.88 -4.49
N GLU B 100 25.94 -15.21 -5.61
CA GLU B 100 26.34 -13.80 -5.61
C GLU B 100 25.24 -12.93 -5.06
N MET B 101 23.99 -13.26 -5.37
CA MET B 101 22.87 -12.52 -4.82
C MET B 101 22.81 -12.56 -3.31
N PHE B 102 22.95 -13.76 -2.76
CA PHE B 102 22.89 -13.91 -1.31
C PHE B 102 24.13 -13.30 -0.66
N GLN B 103 25.25 -13.22 -1.37
CA GLN B 103 26.45 -12.58 -0.80
C GLN B 103 26.23 -11.08 -0.74
N ALA B 104 25.60 -10.55 -1.77
CA ALA B 104 25.50 -9.11 -1.96
C ALA B 104 24.36 -8.48 -1.19
N ILE B 105 23.24 -9.19 -1.00
CA ILE B 105 22.11 -8.62 -0.31
C ILE B 105 21.53 -9.63 0.68
N PRO B 106 21.39 -9.23 1.96
CA PRO B 106 20.84 -10.16 2.92
C PRO B 106 19.42 -10.57 2.53
N ALA B 107 19.11 -11.85 2.70
CA ALA B 107 17.76 -12.34 2.35
C ALA B 107 16.92 -12.50 3.60
N ILE B 108 15.62 -12.29 3.48
CA ILE B 108 14.67 -12.68 4.53
C ILE B 108 13.95 -13.98 4.15
N ALA B 109 13.97 -14.33 2.87
CA ALA B 109 13.39 -15.60 2.46
C ALA B 109 14.07 -16.10 1.20
N TYR B 110 13.79 -17.34 0.84
CA TYR B 110 14.18 -17.87 -0.46
C TYR B 110 13.07 -18.82 -0.98
N GLY B 111 13.17 -19.22 -2.24
CA GLY B 111 12.24 -20.19 -2.80
C GLY B 111 12.85 -20.97 -3.96
N ALA B 112 12.11 -21.91 -4.51
CA ALA B 112 12.57 -22.65 -5.67
C ALA B 112 11.36 -23.11 -6.46
N ASP B 113 11.51 -23.17 -7.78
CA ASP B 113 10.46 -23.76 -8.60
C ASP B 113 10.94 -24.79 -9.59
N PHE B 114 9.99 -25.65 -9.92
CA PHE B 114 10.27 -26.91 -10.59
C PHE B 114 9.22 -27.10 -11.67
N ASP B 115 9.65 -27.33 -12.92
CA ASP B 115 8.78 -27.84 -13.96
C ASP B 115 8.81 -29.34 -13.83
N ILE B 116 7.64 -29.95 -13.68
CA ILE B 116 7.60 -31.39 -13.42
C ILE B 116 7.93 -32.26 -14.64
N ASN B 117 8.18 -31.65 -15.77
CA ASN B 117 8.77 -32.34 -16.90
C ASN B 117 10.25 -32.09 -17.11
N TYR B 118 10.91 -31.42 -16.16
CA TYR B 118 12.28 -30.95 -16.37
C TYR B 118 13.14 -31.10 -15.12
N GLY B 119 12.68 -30.49 -14.03
CA GLY B 119 13.51 -30.37 -12.85
C GLY B 119 13.40 -28.99 -12.23
N LEU B 120 14.46 -28.58 -11.56
CA LEU B 120 14.55 -27.27 -10.95
C LEU B 120 14.75 -26.23 -12.05
N VAL B 121 13.94 -25.18 -12.02
CA VAL B 121 14.00 -24.13 -13.01
C VAL B 121 14.61 -22.87 -12.44
N LYS B 122 14.15 -22.46 -11.25
CA LYS B 122 14.66 -21.28 -10.60
C LYS B 122 14.88 -21.45 -9.13
N ILE B 123 15.66 -20.53 -8.61
CA ILE B 123 15.80 -20.26 -7.20
C ILE B 123 15.61 -18.75 -7.00
N TRP B 124 14.85 -18.41 -5.95
CA TRP B 124 14.45 -17.02 -5.62
CA TRP B 124 14.47 -17.03 -5.64
C TRP B 124 15.28 -16.53 -4.42
N HIS B 125 15.57 -15.24 -4.43
CA HIS B 125 16.12 -14.49 -3.32
C HIS B 125 15.10 -13.39 -3.02
N LEU B 126 14.66 -13.30 -1.77
CA LEU B 126 13.82 -12.22 -1.32
C LEU B 126 14.55 -11.45 -0.22
N PRO B 127 15.02 -10.22 -0.52
CA PRO B 127 15.51 -9.35 0.52
C PRO B 127 14.38 -8.65 1.20
N LYS B 128 14.67 -7.96 2.29
CA LYS B 128 13.81 -6.83 2.67
C LYS B 128 13.78 -5.85 1.50
N ILE B 129 12.70 -5.09 1.33
CA ILE B 129 12.63 -4.21 0.19
C ILE B 129 13.82 -3.24 0.24
N VAL B 130 14.57 -3.17 -0.86
CA VAL B 130 15.76 -2.33 -0.94
C VAL B 130 15.79 -1.52 -2.23
N PRO B 131 16.53 -0.40 -2.24
CA PRO B 131 16.69 0.34 -3.48
C PRO B 131 17.30 -0.55 -4.55
N VAL B 132 16.86 -0.38 -5.79
CA VAL B 132 17.23 -1.24 -6.90
C VAL B 132 18.72 -1.20 -7.17
N GLU B 133 19.33 -0.06 -6.86
CA GLU B 133 20.79 0.09 -7.01
C GLU B 133 21.57 -0.97 -6.24
N GLU B 134 21.01 -1.53 -5.16
CA GLU B 134 21.73 -2.57 -4.44
C GLU B 134 22.03 -3.81 -5.26
N ALA B 135 21.24 -4.06 -6.29
CA ALA B 135 21.46 -5.21 -7.15
C ALA B 135 22.64 -5.04 -8.11
N PHE B 136 22.97 -3.79 -8.41
CA PHE B 136 23.94 -3.51 -9.45
C PHE B 136 25.36 -3.98 -9.09
N LYS B 137 25.63 -4.19 -7.81
CA LYS B 137 26.92 -4.77 -7.37
C LYS B 137 27.10 -6.25 -7.73
N ILE B 138 26.02 -6.95 -8.01
CA ILE B 138 26.10 -8.36 -8.36
C ILE B 138 26.86 -8.58 -9.67
N PRO B 139 28.07 -9.19 -9.60
CA PRO B 139 28.98 -9.27 -10.76
C PRO B 139 28.45 -9.99 -11.99
N SER B 140 27.73 -11.10 -11.79
CA SER B 140 27.31 -11.89 -12.92
C SER B 140 25.94 -11.50 -13.46
N LEU B 141 25.32 -10.44 -12.95
CA LEU B 141 24.09 -9.96 -13.58
C LEU B 141 24.32 -9.69 -15.05
N PRO B 142 23.31 -9.92 -15.89
CA PRO B 142 23.50 -9.45 -17.26
C PRO B 142 23.78 -7.94 -17.36
N LYS B 143 24.57 -7.58 -18.36
CA LYS B 143 24.87 -6.20 -18.71
C LYS B 143 23.62 -5.34 -18.92
N SER B 144 22.55 -5.96 -19.40
CA SER B 144 21.35 -5.25 -19.73
C SER B 144 20.64 -4.65 -18.52
N VAL B 145 20.93 -5.16 -17.31
CA VAL B 145 20.27 -4.68 -16.11
C VAL B 145 20.73 -3.25 -15.79
N ASN B 146 22.04 -3.06 -15.75
CA ASN B 146 22.59 -1.71 -15.60
C ASN B 146 22.15 -0.78 -16.69
N ALA B 147 22.12 -1.28 -17.91
CA ALA B 147 21.67 -0.52 -19.07
C ALA B 147 20.19 -0.11 -19.01
N HIS B 148 19.49 -0.45 -17.91
CA HIS B 148 18.09 -0.13 -17.81
C HIS B 148 17.78 0.68 -16.59
N ILE B 149 18.80 1.35 -16.03
CA ILE B 149 18.55 2.18 -14.86
C ILE B 149 17.65 3.39 -15.12
N ASP B 150 17.70 3.99 -16.32
CA ASP B 150 16.78 5.12 -16.61
C ASP B 150 15.35 4.61 -16.74
N PHE B 151 15.21 3.46 -17.39
CA PHE B 151 13.91 2.81 -17.53
C PHE B 151 13.30 2.58 -16.13
N PHE B 152 14.08 2.02 -15.22
CA PHE B 152 13.60 1.72 -13.87
C PHE B 152 13.12 2.97 -13.20
N LYS B 153 13.87 4.06 -13.35
CA LYS B 153 13.50 5.29 -12.65
C LYS B 153 12.23 5.86 -13.25
N LYS B 154 12.13 5.82 -14.57
CA LYS B 154 10.98 6.38 -15.26
C LYS B 154 9.67 5.68 -14.84
N TYR B 155 9.73 4.39 -14.56
CA TYR B 155 8.53 3.62 -14.26
C TYR B 155 8.37 3.29 -12.77
N HIS B 156 9.10 4.05 -11.96
CA HIS B 156 9.03 3.91 -10.50
C HIS B 156 9.34 2.48 -10.09
N LEU B 157 10.33 1.90 -10.76
CA LEU B 157 10.85 0.59 -10.36
C LEU B 157 12.10 0.85 -9.51
N ASP B 158 11.85 1.40 -8.32
CA ASP B 158 12.92 1.82 -7.41
C ASP B 158 13.08 0.90 -6.25
N ALA B 159 12.11 0.01 -6.07
CA ALA B 159 12.04 -0.74 -4.84
C ALA B 159 12.01 -2.23 -5.12
N LEU B 160 13.18 -2.83 -5.01
CA LEU B 160 13.38 -4.22 -5.36
C LEU B 160 12.89 -5.09 -4.21
N CYS B 161 12.08 -6.10 -4.53
CA CYS B 161 11.49 -6.94 -3.52
C CYS B 161 11.82 -8.44 -3.72
N ALA B 162 12.46 -8.79 -4.84
CA ALA B 162 12.93 -10.13 -5.02
C ALA B 162 13.80 -10.22 -6.27
N LEU B 163 14.52 -11.34 -6.39
CA LEU B 163 15.40 -11.64 -7.51
C LEU B 163 15.25 -13.14 -7.80
N THR B 164 15.33 -13.55 -9.06
CA THR B 164 15.41 -14.95 -9.36
C THR B 164 16.44 -15.28 -10.40
N VAL B 165 16.85 -16.55 -10.40
CA VAL B 165 17.75 -17.05 -11.44
C VAL B 165 17.06 -18.21 -12.13
N ASP B 166 16.96 -18.15 -13.44
CA ASP B 166 16.34 -19.23 -14.19
C ASP B 166 17.45 -20.02 -14.89
N TYR B 167 17.68 -21.21 -14.39
CA TYR B 167 18.73 -22.08 -14.87
C TYR B 167 18.39 -22.74 -16.18
N ARG B 168 17.10 -22.87 -16.46
CA ARG B 168 16.67 -23.45 -17.72
C ARG B 168 16.74 -22.44 -18.85
N ASN B 169 16.14 -21.26 -18.64
CA ASN B 169 15.96 -20.25 -19.70
C ASN B 169 17.23 -19.39 -19.80
N LYS B 170 18.14 -19.47 -18.83
CA LYS B 170 19.30 -18.60 -18.75
C LYS B 170 18.90 -17.13 -18.70
N SER B 171 18.14 -16.82 -17.66
CA SER B 171 17.66 -15.46 -17.48
C SER B 171 17.54 -15.13 -16.00
N THR B 172 17.32 -13.86 -15.70
CA THR B 172 17.21 -13.45 -14.33
C THR B 172 16.07 -12.46 -14.30
N ASN B 173 15.26 -12.51 -13.25
CA ASN B 173 14.21 -11.49 -13.08
C ASN B 173 14.52 -10.60 -11.91
N LEU B 174 14.20 -9.31 -12.07
CA LEU B 174 14.14 -8.38 -10.96
C LEU B 174 12.66 -8.12 -10.65
N TYR B 175 12.30 -8.15 -9.38
CA TYR B 175 10.91 -7.90 -8.99
C TYR B 175 10.82 -6.64 -8.18
N PHE B 176 9.79 -5.86 -8.43
CA PHE B 176 9.67 -4.55 -7.82
C PHE B 176 8.36 -4.44 -7.06
N ASP B 177 8.42 -3.79 -5.91
CA ASP B 177 7.19 -3.47 -5.16
C ASP B 177 6.49 -2.30 -5.86
N ALA B 178 5.28 -2.52 -6.37
CA ALA B 178 4.63 -1.54 -7.20
C ALA B 178 3.80 -0.61 -6.33
N HIS B 179 4.51 0.21 -5.57
CA HIS B 179 3.93 1.08 -4.51
C HIS B 179 3.37 2.39 -5.01
N HIS B 180 3.78 2.83 -6.20
CA HIS B 180 3.62 4.23 -6.57
C HIS B 180 2.19 4.47 -7.10
N PRO B 181 1.59 5.62 -6.75
CA PRO B 181 0.23 5.97 -7.18
C PRO B 181 0.02 5.91 -8.69
N GLU B 182 1.06 6.24 -9.44
CA GLU B 182 1.00 6.13 -10.87
C GLU B 182 0.77 4.66 -11.34
N GLN B 183 1.23 3.70 -10.56
CA GLN B 183 1.00 2.28 -10.84
C GLN B 183 -0.41 1.84 -10.51
N ARG B 184 -1.23 2.78 -10.00
CA ARG B 184 -2.64 2.58 -9.86
C ARG B 184 -3.44 3.03 -11.05
N THR B 185 -2.79 3.44 -12.14
CA THR B 185 -3.44 3.92 -13.34
C THR B 185 -3.28 2.98 -14.52
N THR B 186 -4.25 2.97 -15.42
CA THR B 186 -4.16 2.10 -16.59
C THR B 186 -3.08 2.62 -17.54
N GLN B 187 -2.90 3.93 -17.63
CA GLN B 187 -1.92 4.48 -18.60
C GLN B 187 -0.50 4.03 -18.31
N PHE B 188 -0.17 3.86 -17.04
CA PHE B 188 1.15 3.37 -16.65
C PHE B 188 1.50 2.07 -17.36
N TYR B 189 0.56 1.16 -17.35
CA TYR B 189 0.77 -0.16 -17.88
C TYR B 189 0.81 -0.05 -19.42
N LYS B 190 0.04 0.83 -20.02
CA LYS B 190 0.16 1.05 -21.46
C LYS B 190 1.51 1.59 -21.81
N ASN B 191 1.94 2.57 -21.03
CA ASN B 191 3.22 3.22 -21.26
C ASN B 191 4.38 2.25 -21.17
N ILE B 192 4.40 1.49 -20.09
CA ILE B 192 5.53 0.61 -19.83
C ILE B 192 5.66 -0.48 -20.90
N LEU B 193 4.52 -1.03 -21.33
CA LEU B 193 4.49 -1.96 -22.43
C LEU B 193 4.90 -1.32 -23.77
N GLN B 194 4.37 -0.15 -24.06
CA GLN B 194 4.73 0.56 -25.26
C GLN B 194 6.23 0.87 -25.30
N SER B 195 6.80 1.13 -24.14
CA SER B 195 8.20 1.48 -24.05
C SER B 195 9.06 0.35 -24.64
N GLN B 196 8.53 -0.87 -24.55
CA GLN B 196 9.24 -2.05 -24.97
C GLN B 196 8.69 -2.55 -26.28
N GLN B 197 7.70 -1.89 -26.83
CA GLN B 197 7.03 -2.36 -28.03
C GLN B 197 6.38 -3.75 -27.80
N PHE B 198 5.88 -3.97 -26.59
CA PHE B 198 5.20 -5.20 -26.23
C PHE B 198 3.72 -5.02 -26.51
N GLU B 199 2.98 -6.09 -26.71
CA GLU B 199 1.57 -5.97 -26.99
C GLU B 199 0.83 -5.45 -25.78
N VAL B 200 -0.15 -4.59 -26.00
CA VAL B 200 -0.91 -3.98 -24.95
C VAL B 200 -2.23 -4.70 -24.89
N PRO B 201 -2.61 -5.16 -23.72
CA PRO B 201 -3.84 -5.93 -23.54
C PRO B 201 -5.12 -5.11 -23.60
N SER B 202 -6.24 -5.80 -23.59
CA SER B 202 -7.55 -5.17 -23.56
C SER B 202 -7.67 -4.22 -22.40
N ASP B 203 -8.62 -3.30 -22.54
CA ASP B 203 -8.95 -2.43 -21.43
C ASP B 203 -9.34 -3.17 -20.17
N GLU B 204 -10.07 -4.26 -20.28
CA GLU B 204 -10.55 -4.90 -19.09
C GLU B 204 -9.37 -5.55 -18.35
N VAL B 205 -8.36 -6.00 -19.09
CA VAL B 205 -7.12 -6.48 -18.48
C VAL B 205 -6.31 -5.34 -17.84
N LEU B 206 -6.26 -4.19 -18.50
CA LEU B 206 -5.59 -2.99 -17.91
C LEU B 206 -6.25 -2.62 -16.57
N GLU B 207 -7.58 -2.73 -16.51
CA GLU B 207 -8.28 -2.42 -15.26
C GLU B 207 -7.95 -3.44 -14.17
N ILE B 208 -7.63 -4.67 -14.54
CA ILE B 208 -7.13 -5.64 -13.56
C ILE B 208 -5.72 -5.28 -13.04
N LEU B 209 -4.83 -4.88 -13.96
CA LEU B 209 -3.46 -4.59 -13.62
C LEU B 209 -3.25 -3.47 -12.60
N VAL B 210 -4.21 -2.55 -12.48
CA VAL B 210 -4.03 -1.43 -11.56
C VAL B 210 -3.93 -1.84 -10.10
N ASN B 211 -4.45 -3.02 -9.74
CA ASN B 211 -4.23 -3.59 -8.39
C ASN B 211 -2.93 -4.37 -8.22
N CYS B 212 -2.11 -4.44 -9.26
CA CYS B 212 -0.83 -5.15 -9.21
C CYS B 212 0.16 -4.61 -8.13
N PRO B 213 0.56 -5.47 -7.18
CA PRO B 213 1.53 -4.98 -6.17
C PRO B 213 2.97 -5.30 -6.55
N GLU B 214 3.16 -6.06 -7.61
CA GLU B 214 4.49 -6.57 -7.91
C GLU B 214 4.71 -6.71 -9.40
N ILE B 215 5.84 -6.21 -9.86
CA ILE B 215 6.15 -6.19 -11.28
C ILE B 215 7.50 -6.85 -11.49
N ALA B 216 7.57 -7.79 -12.41
CA ALA B 216 8.82 -8.44 -12.75
C ALA B 216 9.32 -7.99 -14.11
N VAL B 217 10.64 -7.91 -14.23
CA VAL B 217 11.26 -7.60 -15.49
C VAL B 217 12.35 -8.66 -15.77
N THR B 218 12.32 -9.25 -16.96
CA THR B 218 13.26 -10.33 -17.30
C THR B 218 14.43 -9.82 -18.17
N PHE B 219 15.66 -10.13 -17.75
CA PHE B 219 16.90 -9.83 -18.47
C PHE B 219 17.65 -11.13 -18.77
N ASN B 220 18.48 -11.10 -19.82
CA ASN B 220 19.25 -12.27 -20.19
C ASN B 220 20.56 -11.81 -20.80
N TRP B 221 21.45 -12.77 -21.02
CA TRP B 221 22.83 -12.50 -21.41
C TRP B 221 23.02 -12.49 -22.92
N SER B 222 21.96 -12.80 -23.68
CA SER B 222 22.05 -12.93 -25.13
C SER B 222 21.47 -11.72 -25.89
N SER B 223 21.02 -10.71 -25.17
CA SER B 223 20.36 -9.58 -25.80
C SER B 223 20.40 -8.35 -24.90
N PRO B 224 20.39 -7.15 -25.51
CA PRO B 224 20.60 -6.00 -24.67
C PRO B 224 19.28 -5.47 -24.09
N GLY B 225 18.17 -6.04 -24.50
CA GLY B 225 16.85 -5.56 -24.08
C GLY B 225 16.10 -6.45 -23.11
N ILE B 226 14.99 -5.91 -22.62
CA ILE B 226 14.14 -6.64 -21.72
C ILE B 226 13.50 -7.78 -22.52
N GLU B 227 13.52 -8.99 -21.94
CA GLU B 227 12.99 -10.16 -22.63
C GLU B 227 11.47 -10.18 -22.50
N ARG B 228 10.97 -9.90 -21.29
CA ARG B 228 9.52 -9.91 -21.07
C ARG B 228 9.33 -9.28 -19.70
N MET B 229 8.09 -8.94 -19.36
CA MET B 229 7.80 -8.44 -18.03
C MET B 229 6.51 -9.06 -17.57
N CYS B 230 6.22 -8.93 -16.27
CA CYS B 230 5.05 -9.60 -15.73
C CYS B 230 4.47 -8.84 -14.59
N PHE B 231 3.15 -8.73 -14.60
CA PHE B 231 2.44 -8.00 -13.55
C PHE B 231 1.70 -9.02 -12.71
N TYR B 232 1.90 -9.02 -11.39
CA TYR B 232 1.27 -10.03 -10.55
C TYR B 232 0.12 -9.44 -9.73
N THR B 233 -1.01 -10.15 -9.74
CA THR B 233 -2.21 -9.73 -9.06
C THR B 233 -2.68 -10.94 -8.23
N ALA B 234 -3.12 -10.67 -7.00
CA ALA B 234 -3.64 -11.70 -6.10
C ALA B 234 -5.14 -11.70 -6.07
N PHE B 235 -5.72 -12.88 -5.86
CA PHE B 235 -7.18 -13.00 -5.72
C PHE B 235 -7.46 -13.90 -4.56
N VAL B 236 -8.36 -13.47 -3.67
CA VAL B 236 -8.43 -14.11 -2.35
C VAL B 236 -9.18 -15.45 -2.36
N ASN B 237 -9.91 -15.73 -3.43
CA ASN B 237 -10.57 -17.03 -3.53
C ASN B 237 -10.87 -17.37 -4.97
N ARG B 238 -11.46 -18.53 -5.21
CA ARG B 238 -11.71 -19.02 -6.58
C ARG B 238 -12.58 -18.04 -7.35
N GLU B 239 -13.56 -17.45 -6.64
CA GLU B 239 -14.67 -16.74 -7.29
C GLU B 239 -14.21 -15.39 -7.79
N THR B 240 -13.20 -14.82 -7.13
CA THR B 240 -12.68 -13.49 -7.53
C THR B 240 -11.58 -13.55 -8.59
N VAL B 241 -11.07 -14.73 -8.90
CA VAL B 241 -10.20 -14.84 -10.09
C VAL B 241 -11.02 -14.37 -11.29
N PRO B 242 -10.39 -13.65 -12.24
CA PRO B 242 -11.15 -13.19 -13.42
C PRO B 242 -11.29 -14.29 -14.47
N GLN B 243 -12.21 -15.21 -14.16
CA GLN B 243 -12.23 -16.49 -14.81
C GLN B 243 -12.64 -16.30 -16.24
N HIS B 244 -13.39 -15.22 -16.51
CA HIS B 244 -13.93 -14.99 -17.83
C HIS B 244 -12.88 -14.53 -18.84
N ILE B 245 -11.67 -14.23 -18.39
CA ILE B 245 -10.65 -13.65 -19.29
C ILE B 245 -10.05 -14.73 -20.17
N ASN B 246 -9.90 -15.95 -19.66
CA ASN B 246 -9.29 -17.00 -20.45
C ASN B 246 -9.76 -18.37 -19.93
N PRO B 247 -9.88 -19.38 -20.80
CA PRO B 247 -10.29 -20.72 -20.34
C PRO B 247 -9.39 -21.32 -19.27
N VAL B 248 -8.09 -21.02 -19.30
CA VAL B 248 -7.17 -21.60 -18.32
C VAL B 248 -7.41 -21.02 -16.93
N LEU B 249 -7.68 -19.72 -16.85
CA LEU B 249 -8.04 -19.11 -15.61
C LEU B 249 -9.30 -19.74 -15.01
N LYS B 250 -10.33 -19.88 -15.82
CA LYS B 250 -11.58 -20.42 -15.31
C LYS B 250 -11.39 -21.85 -14.83
N LYS B 251 -10.77 -22.69 -15.63
CA LYS B 251 -10.59 -24.10 -15.27
C LYS B 251 -9.75 -24.21 -14.01
N PHE B 252 -8.62 -23.52 -13.94
CA PHE B 252 -7.73 -23.67 -12.80
C PHE B 252 -8.38 -23.09 -11.55
N ALA B 253 -9.03 -21.94 -11.67
CA ALA B 253 -9.72 -21.39 -10.52
C ALA B 253 -10.76 -22.38 -9.97
N GLN B 254 -11.57 -22.94 -10.86
CA GLN B 254 -12.59 -23.89 -10.40
C GLN B 254 -12.03 -25.22 -9.95
N GLU B 255 -10.91 -25.68 -10.52
CA GLU B 255 -10.46 -27.07 -10.28
C GLU B 255 -9.15 -27.25 -9.55
N ALA B 256 -8.36 -26.22 -9.38
CA ALA B 256 -7.05 -26.44 -8.74
C ALA B 256 -7.22 -27.09 -7.37
N PRO B 257 -6.35 -28.04 -7.03
CA PRO B 257 -6.41 -28.64 -5.71
C PRO B 257 -5.77 -27.76 -4.68
N ALA B 258 -6.26 -27.87 -3.44
CA ALA B 258 -5.59 -27.24 -2.31
C ALA B 258 -5.99 -27.99 -1.04
N LEU B 259 -5.32 -27.73 0.08
CA LEU B 259 -5.77 -28.28 1.35
C LEU B 259 -6.88 -27.44 1.99
N LEU B 260 -7.07 -26.24 1.47
CA LEU B 260 -8.19 -25.39 1.81
C LEU B 260 -9.33 -25.66 0.82
N ASP B 261 -10.54 -25.46 1.30
CA ASP B 261 -11.71 -25.59 0.44
C ASP B 261 -11.77 -24.51 -0.65
N ASN B 262 -11.41 -23.29 -0.26
CA ASN B 262 -11.48 -22.17 -1.16
C ASN B 262 -10.18 -21.37 -1.04
N PRO B 263 -9.11 -21.82 -1.73
CA PRO B 263 -7.85 -21.14 -1.63
C PRO B 263 -7.79 -19.86 -2.47
N GLY B 264 -6.81 -18.99 -2.18
CA GLY B 264 -6.56 -17.83 -3.00
C GLY B 264 -5.59 -18.20 -4.12
N PHE B 265 -5.40 -17.26 -5.05
CA PHE B 265 -4.56 -17.50 -6.25
C PHE B 265 -3.69 -16.28 -6.52
N LEU B 266 -2.55 -16.50 -7.14
CA LEU B 266 -1.75 -15.40 -7.70
C LEU B 266 -1.75 -15.60 -9.22
N VAL B 267 -2.10 -14.55 -9.94
CA VAL B 267 -2.04 -14.59 -11.42
C VAL B 267 -0.92 -13.68 -11.89
N GLY B 268 -0.07 -14.19 -12.78
CA GLY B 268 0.93 -13.38 -13.47
C GLY B 268 0.57 -13.11 -14.93
N TRP B 269 0.43 -11.84 -15.28
CA TRP B 269 0.13 -11.42 -16.65
C TRP B 269 1.45 -11.04 -17.33
N SER B 270 1.96 -11.95 -18.14
CA SER B 270 3.22 -11.76 -18.84
C SER B 270 3.01 -11.11 -20.19
N PHE B 271 3.97 -10.29 -20.56
CA PHE B 271 3.96 -9.61 -21.84
C PHE B 271 5.34 -9.60 -22.50
N GLY B 272 5.34 -9.78 -23.80
CA GLY B 272 6.55 -9.79 -24.57
C GLY B 272 6.40 -9.14 -25.92
N PRO B 273 7.41 -9.27 -26.78
CA PRO B 273 7.45 -8.65 -28.09
C PRO B 273 6.20 -8.88 -28.87
N ASP B 274 5.63 -7.78 -29.33
CA ASP B 274 4.36 -7.73 -30.08
C ASP B 274 4.12 -8.92 -31.00
N ALA B 275 3.44 -9.92 -30.45
CA ALA B 275 3.11 -11.20 -31.07
C ALA B 275 4.38 -11.93 -31.46
N LYS B 276 5.33 -11.91 -30.56
CA LYS B 276 6.65 -12.48 -30.73
C LYS B 276 7.24 -12.22 -32.08
N GLY B 278 6.28 -14.31 -25.33
CA GLY B 278 6.30 -13.74 -24.01
C GLY B 278 4.99 -13.24 -23.43
N THR B 279 3.90 -13.35 -24.19
CA THR B 279 2.61 -12.91 -23.75
C THR B 279 1.70 -14.10 -23.41
N TYR B 280 1.45 -14.29 -22.13
CA TYR B 280 0.65 -15.39 -21.62
C TYR B 280 0.26 -15.16 -20.17
N ILE B 281 -0.44 -16.11 -19.59
CA ILE B 281 -0.83 -15.98 -18.22
C ILE B 281 -0.29 -17.14 -17.37
N LYS B 282 -0.07 -16.86 -16.11
CA LYS B 282 0.43 -17.79 -15.14
C LYS B 282 -0.53 -17.76 -13.96
N ILE B 283 -0.96 -18.89 -13.43
CA ILE B 283 -1.86 -18.87 -12.23
C ILE B 283 -1.44 -19.93 -11.25
N ASP B 284 -1.25 -19.50 -10.01
CA ASP B 284 -0.72 -20.34 -8.93
C ASP B 284 -1.82 -20.47 -7.89
N VAL B 285 -2.11 -21.70 -7.45
CA VAL B 285 -3.05 -21.92 -6.33
C VAL B 285 -2.31 -21.89 -4.97
N ASP B 286 -2.89 -21.20 -4.00
CA ASP B 286 -2.32 -21.11 -2.67
C ASP B 286 -2.65 -22.36 -1.88
N TYR B 287 -1.84 -23.40 -2.10
CA TYR B 287 -2.20 -24.75 -1.70
C TYR B 287 -2.47 -24.93 -0.19
N HIS B 288 -1.62 -24.34 0.63
CA HIS B 288 -1.74 -24.36 2.09
C HIS B 288 -2.31 -23.06 2.65
N GLY B 289 -2.66 -22.10 1.81
CA GLY B 289 -3.20 -20.82 2.28
C GLY B 289 -2.17 -19.87 2.90
N LEU B 290 -0.88 -20.12 2.66
CA LEU B 290 0.20 -19.23 3.17
C LEU B 290 0.68 -18.18 2.17
N VAL B 291 0.57 -18.49 0.87
CA VAL B 291 1.19 -17.68 -0.16
C VAL B 291 0.52 -16.31 -0.34
N VAL B 292 -0.80 -16.28 -0.40
CA VAL B 292 -1.47 -15.01 -0.61
C VAL B 292 -1.22 -14.07 0.57
N PRO B 293 -1.30 -14.59 1.81
CA PRO B 293 -0.96 -13.69 2.91
C PRO B 293 0.48 -13.23 2.91
N SER B 294 1.40 -14.06 2.46
CA SER B 294 2.82 -13.67 2.33
C SER B 294 2.99 -12.58 1.30
N PHE B 295 2.31 -12.71 0.16
CA PHE B 295 2.34 -11.73 -0.89
C PHE B 295 1.87 -10.35 -0.41
N PHE B 296 0.72 -10.28 0.25
CA PHE B 296 0.28 -9.00 0.80
C PHE B 296 1.25 -8.49 1.85
N HIS B 297 1.78 -9.41 2.65
CA HIS B 297 2.69 -9.03 3.71
C HIS B 297 3.96 -8.37 3.16
N MET B 298 4.54 -9.00 2.16
CA MET B 298 5.81 -8.53 1.66
C MET B 298 5.67 -7.20 0.90
N HIS B 299 4.45 -6.91 0.47
CA HIS B 299 4.16 -5.65 -0.19
C HIS B 299 3.50 -4.62 0.75
N ASN B 300 3.53 -4.88 2.05
CA ASN B 300 3.02 -3.96 3.08
C ASN B 300 1.59 -3.57 2.81
N LEU B 301 0.76 -4.55 2.45
CA LEU B 301 -0.65 -4.33 2.22
C LEU B 301 -1.45 -5.10 3.27
N PRO B 302 -2.52 -4.50 3.78
CA PRO B 302 -3.41 -5.22 4.70
C PRO B 302 -3.81 -6.59 4.20
N LEU B 303 -3.69 -7.59 5.06
CA LEU B 303 -4.04 -8.95 4.67
C LEU B 303 -5.57 -9.02 4.52
N PRO B 304 -6.05 -9.55 3.38
CA PRO B 304 -7.51 -9.70 3.25
C PRO B 304 -8.17 -10.47 4.43
N ILE B 305 -7.50 -11.53 4.89
CA ILE B 305 -7.85 -12.26 6.12
C ILE B 305 -6.77 -12.03 7.20
N PRO B 306 -7.03 -11.14 8.17
CA PRO B 306 -5.88 -10.63 8.96
C PRO B 306 -5.29 -11.62 9.97
N GLU B 307 -6.05 -12.64 10.35
CA GLU B 307 -5.53 -13.71 11.22
C GLU B 307 -4.75 -14.79 10.45
N ALA B 308 -4.58 -14.60 9.15
CA ALA B 308 -3.93 -15.60 8.33
C ALA B 308 -2.41 -15.58 8.55
N ASN B 309 -1.87 -16.76 8.75
CA ASN B 309 -0.44 -16.95 8.81
C ASN B 309 0.18 -16.80 7.41
N SER B 310 1.48 -16.52 7.37
CA SER B 310 2.23 -16.44 6.13
C SER B 310 3.54 -17.18 6.38
N VAL B 311 4.44 -17.20 5.38
CA VAL B 311 5.77 -17.77 5.61
C VAL B 311 6.58 -16.94 6.64
N PHE B 312 6.20 -15.67 6.84
CA PHE B 312 6.90 -14.77 7.78
C PHE B 312 6.34 -14.86 9.19
N ASP B 313 5.20 -15.55 9.32
CA ASP B 313 4.44 -15.61 10.57
C ASP B 313 3.71 -16.97 10.60
N LEU B 314 4.49 -18.04 10.76
CA LEU B 314 4.01 -19.42 10.59
C LEU B 314 2.99 -19.86 11.69
N PRO B 315 2.12 -20.84 11.38
CA PRO B 315 0.99 -21.27 12.26
C PRO B 315 1.33 -21.55 13.73
O4 DST C . -4.40 19.60 12.57
P1 DST C . -4.30 20.39 11.25
O6 DST C . -5.09 21.70 11.42
O5 DST C . -2.84 20.68 10.86
O2 DST C . -4.89 19.57 10.03
P3 DST C . -5.84 18.20 10.06
O8 DST C . -7.11 18.66 10.70
O7 DST C . -5.17 17.12 10.92
S9 DST C . -5.97 17.65 8.13
C10 DST C . -7.14 16.23 7.97
C11 DST C . -6.60 14.93 7.35
C12 DST C . -7.36 13.83 7.15
C13 DST C . -6.87 12.56 6.42
C14 DST C . -8.82 13.68 7.50
C1 GOL D . -13.65 34.74 12.87
O1 GOL D . -13.51 34.96 14.26
C2 GOL D . -14.78 33.73 12.71
O2 GOL D . -15.59 34.24 11.64
C3 GOL D . -14.19 32.35 12.40
O3 GOL D . -15.11 31.51 11.68
C10 8XL E . 6.57 -17.11 -0.58
C13 8XL E . 5.67 -16.47 -3.19
C01 8XL E . 3.66 -16.70 -8.28
N02 8XL E . 4.12 -15.95 -7.51
C03 8XL E . 4.65 -14.96 -6.60
C04 8XL E . 5.08 -15.16 -5.31
C05 8XL E . 5.17 -16.45 -4.53
C06 8XL E . 4.87 -17.79 -4.90
N07 8XL E . 5.14 -18.56 -3.84
C08 8XL E . 5.64 -17.78 -2.78
C09 8XL E . 6.09 -18.11 -1.46
C11 8XL E . 6.63 -15.77 -1.02
C12 8XL E . 6.15 -15.44 -2.29
O4 DST F . 9.47 -15.40 -15.04
P1 DST F . 8.91 -16.57 -14.27
O6 DST F . 7.54 -17.01 -14.76
O5 DST F . 9.84 -17.79 -14.34
O2 DST F . 8.93 -16.09 -12.72
P3 DST F . 7.76 -16.26 -11.55
O8 DST F . 6.42 -15.75 -12.06
O7 DST F . 7.70 -17.74 -11.25
S9 DST F . 8.46 -15.35 -9.83
C10 DST F . 7.29 -15.31 -8.41
C11 DST F . 7.48 -14.07 -7.48
C12 DST F . 8.29 -13.97 -6.39
C13 DST F . 8.66 -15.10 -5.43
C14 DST F . 8.46 -12.70 -5.60
N1 IMD G . 2.65 11.07 -10.21
C2 IMD G . 3.86 11.34 -9.61
N3 IMD G . 3.66 11.52 -8.27
C4 IMD G . 2.32 11.40 -8.05
C5 IMD G . 1.68 11.11 -9.26
#